data_7GTT
#
_entry.id   7GTT
#
_cell.length_a   89.615
_cell.length_b   89.615
_cell.length_c   106.249
_cell.angle_alpha   90.000
_cell.angle_beta   90.000
_cell.angle_gamma   120.000
#
_symmetry.space_group_name_H-M   'P 31 2 1'
#
loop_
_entity.id
_entity.type
_entity.pdbx_description
1 polymer 'Tyrosine-protein phosphatase non-receptor type 1'
2 non-polymer 2-AMINO-2-HYDROXYMETHYL-PROPANE-1,3-DIOL
3 non-polymer N-(3,4-dihydroquinoline-1(2H)-carbothioyl)propanamide
4 water water
#
_entity_poly.entity_id   1
_entity_poly.type   'polypeptide(L)'
_entity_poly.pdbx_seq_one_letter_code
;MEMEKEFEQIDKSGSWAAIYQDIRHEASDFPSRVAKLPKNKNRNRYRDVSPFDHSRIKLHQEDNDYINASLIKMEEAQRS
YILTQGPLPNTVGHFWEMVWEQKSRGVVMLNRVMEKGSLKCAQYWPQKEEKEMIFEDTNLKLTLISEDIKSYYTVRQLEL
ENLTTQETREILHFHYTTWPDFGVPESPASFLNFLFKVRESGSLSPEHGPVVVHCSAGIGRSGTFCLADTCLLLMDKRKD
PSSVDIKKVLLEMRKFRMGLIQTADQLRFSYLAVIEGAKFIMGDSSVQDQWKELSHEDLEPPPEHIPPPPRPPKRILEPH
N
;
_entity_poly.pdbx_strand_id   A
#
loop_
_chem_comp.id
_chem_comp.type
_chem_comp.name
_chem_comp.formula
A1ABS non-polymer N-(3,4-dihydroquinoline-1(2H)-carbothioyl)propanamide 'C13 H16 N2 O S'
TRS non-polymer 2-AMINO-2-HYDROXYMETHYL-PROPANE-1,3-DIOL 'C4 H12 N O3 1'
#
# COMPACT_ATOMS: atom_id res chain seq x y z
N MET A 1 21.47 -17.07 1.79
CA MET A 1 22.13 -16.88 0.45
C MET A 1 21.93 -15.43 0.00
N GLU A 2 23.02 -14.67 -0.16
CA GLU A 2 23.00 -13.30 -0.75
C GLU A 2 21.93 -13.29 -1.86
N MET A 3 20.91 -12.45 -1.69
CA MET A 3 19.76 -12.35 -2.63
C MET A 3 20.25 -12.00 -4.03
N GLU A 4 21.33 -11.22 -4.15
CA GLU A 4 21.98 -10.82 -5.45
C GLU A 4 22.46 -12.05 -6.24
N LYS A 5 22.89 -13.10 -5.54
CA LYS A 5 23.39 -14.35 -6.17
C LYS A 5 22.18 -15.22 -6.48
N GLU A 6 21.23 -15.28 -5.55
CA GLU A 6 19.92 -15.97 -5.73
C GLU A 6 19.27 -15.38 -6.99
N PHE A 7 19.28 -14.05 -7.12
CA PHE A 7 18.70 -13.31 -8.28
C PHE A 7 19.29 -13.86 -9.58
N GLU A 8 20.61 -13.80 -9.72
CA GLU A 8 21.32 -14.18 -10.97
C GLU A 8 21.07 -15.66 -11.28
N GLN A 9 21.04 -16.52 -10.26
CA GLN A 9 20.73 -17.98 -10.37
C GLN A 9 19.30 -18.20 -10.91
N ILE A 10 18.31 -17.44 -10.46
CA ILE A 10 16.90 -17.57 -10.95
C ILE A 10 16.83 -16.99 -12.39
N ASP A 11 17.51 -15.86 -12.64
CA ASP A 11 17.49 -15.15 -13.96
C ASP A 11 18.12 -16.08 -15.01
N LYS A 12 19.29 -16.65 -14.72
CA LYS A 12 20.03 -17.46 -15.71
C LYS A 12 19.23 -18.75 -15.98
N SER A 13 18.53 -19.26 -14.97
CA SER A 13 17.68 -20.48 -15.09
C SER A 13 16.25 -20.14 -15.54
N GLY A 14 15.90 -18.86 -15.72
CA GLY A 14 14.55 -18.41 -16.06
C GLY A 14 13.48 -19.09 -15.23
N SER A 15 13.62 -19.14 -13.90
CA SER A 15 12.66 -19.88 -13.06
C SER A 15 11.77 -18.99 -12.17
N TRP A 16 11.55 -17.72 -12.55
CA TRP A 16 10.75 -16.78 -11.73
C TRP A 16 9.32 -17.30 -11.59
N ALA A 17 8.71 -17.78 -12.69
CA ALA A 17 7.33 -18.32 -12.66
C ALA A 17 7.26 -19.46 -11.63
N ALA A 18 8.32 -20.25 -11.50
CA ALA A 18 8.37 -21.42 -10.59
C ALA A 18 8.54 -20.97 -9.13
N ILE A 19 9.47 -20.05 -8.85
CA ILE A 19 9.60 -19.47 -7.48
C ILE A 19 8.25 -18.90 -7.05
N TYR A 20 7.62 -18.10 -7.92
CA TYR A 20 6.36 -17.37 -7.61
C TYR A 20 5.29 -18.40 -7.21
N GLN A 21 5.04 -19.40 -8.05
CA GLN A 21 4.02 -20.47 -7.76
C GLN A 21 4.31 -21.15 -6.42
N ASP A 22 5.57 -21.36 -6.06
CA ASP A 22 5.95 -21.94 -4.75
C ASP A 22 5.41 -21.07 -3.60
N ILE A 23 5.56 -19.74 -3.70
CA ILE A 23 5.02 -18.81 -2.66
C ILE A 23 3.48 -18.91 -2.67
N ARG A 24 2.86 -18.95 -3.85
CA ARG A 24 1.36 -19.03 -3.93
C ARG A 24 0.93 -20.28 -3.16
N HIS A 25 1.67 -21.37 -3.31
CA HIS A 25 1.31 -22.69 -2.73
C HIS A 25 1.41 -22.65 -1.20
N GLU A 26 2.46 -22.02 -0.65
CA GLU A 26 2.76 -21.98 0.80
C GLU A 26 2.01 -20.84 1.51
N ALA A 27 1.32 -19.95 0.80
CA ALA A 27 0.74 -18.73 1.42
C ALA A 27 -0.39 -19.14 2.35
N SER A 28 -0.58 -18.38 3.42
CA SER A 28 -1.66 -18.53 4.41
C SER A 28 -3.04 -18.46 3.74
N ASP A 29 -3.99 -19.21 4.32
CA ASP A 29 -5.42 -19.14 3.97
C ASP A 29 -6.20 -18.99 5.27
N PHE A 30 -6.85 -17.84 5.46
CA PHE A 30 -7.63 -17.56 6.67
C PHE A 30 -9.01 -17.17 6.19
N PRO A 31 -10.04 -17.28 7.04
CA PRO A 31 -11.39 -16.88 6.67
C PRO A 31 -11.54 -15.36 6.42
N SER A 32 -12.43 -15.04 5.46
CA SER A 32 -12.88 -13.67 5.06
C SER A 32 -14.41 -13.61 5.08
N ARG A 33 -15.03 -14.04 6.17
CA ARG A 33 -16.50 -14.20 6.26
C ARG A 33 -17.17 -12.83 6.25
N VAL A 34 -16.66 -11.82 6.96
CA VAL A 34 -17.33 -10.48 6.95
C VAL A 34 -17.38 -9.92 5.51
N ALA A 35 -16.28 -9.99 4.77
CA ALA A 35 -16.16 -9.45 3.39
C ALA A 35 -17.25 -10.08 2.52
N LYS A 36 -17.63 -11.33 2.77
CA LYS A 36 -18.52 -12.07 1.84
C LYS A 36 -19.99 -11.92 2.26
N LEU A 37 -20.32 -11.28 3.37
CA LEU A 37 -21.74 -11.06 3.74
C LEU A 37 -22.45 -10.28 2.61
N PRO A 38 -23.72 -10.62 2.30
CA PRO A 38 -24.47 -9.94 1.25
C PRO A 38 -24.55 -8.41 1.41
N LYS A 39 -24.72 -7.91 2.63
CA LYS A 39 -24.78 -6.45 2.91
C LYS A 39 -23.48 -5.76 2.46
N ASN A 40 -22.39 -6.48 2.12
CA ASN A 40 -21.06 -5.83 1.86
C ASN A 40 -20.67 -5.98 0.40
N LYS A 41 -21.57 -6.53 -0.41
CA LYS A 41 -21.22 -6.81 -1.81
C LYS A 41 -20.77 -5.52 -2.53
N ASN A 42 -21.43 -4.40 -2.30
CA ASN A 42 -21.07 -3.16 -3.02
C ASN A 42 -19.87 -2.45 -2.36
N ARG A 43 -19.23 -3.03 -1.34
CA ARG A 43 -18.07 -2.40 -0.65
C ARG A 43 -16.77 -3.04 -1.15
N ASN A 44 -16.89 -3.98 -2.09
CA ASN A 44 -15.75 -4.76 -2.64
C ASN A 44 -15.62 -4.46 -4.12
N ARG A 45 -14.44 -4.03 -4.53
CA ARG A 45 -14.18 -3.74 -5.95
C ARG A 45 -14.03 -5.04 -6.73
N TYR A 46 -13.36 -6.06 -6.17
CA TYR A 46 -13.10 -7.36 -6.82
C TYR A 46 -13.60 -8.49 -5.92
N ARG A 47 -14.38 -9.40 -6.53
CA ARG A 47 -14.98 -10.59 -5.85
C ARG A 47 -13.91 -11.52 -5.24
N ASP A 48 -12.71 -11.60 -5.82
CA ASP A 48 -11.65 -12.55 -5.40
C ASP A 48 -10.55 -11.84 -4.54
N VAL A 49 -10.76 -10.60 -4.10
CA VAL A 49 -9.77 -9.91 -3.21
C VAL A 49 -10.51 -9.39 -1.99
N SER A 50 -10.26 -10.02 -0.86
CA SER A 50 -10.96 -9.74 0.41
C SER A 50 -9.97 -9.68 1.54
N PRO A 51 -10.25 -8.85 2.55
CA PRO A 51 -9.44 -8.84 3.77
C PRO A 51 -9.80 -10.07 4.64
N PHE A 52 -8.80 -10.67 5.28
CA PHE A 52 -9.02 -11.73 6.31
C PHE A 52 -9.75 -11.11 7.47
N ASP A 53 -10.58 -11.89 8.15
CA ASP A 53 -11.32 -11.41 9.36
C ASP A 53 -10.36 -11.00 10.49
N HIS A 54 -9.24 -11.68 10.68
CA HIS A 54 -8.41 -11.46 11.88
C HIS A 54 -7.68 -10.11 11.77
N SER A 55 -7.34 -9.68 10.56
CA SER A 55 -6.50 -8.47 10.29
C SER A 55 -7.30 -7.32 9.63
N ARG A 56 -8.63 -7.43 9.50
CA ARG A 56 -9.40 -6.37 8.78
C ARG A 56 -9.46 -5.10 9.64
N ILE A 57 -9.42 -3.94 8.99
CA ILE A 57 -9.69 -2.65 9.67
C ILE A 57 -11.18 -2.53 9.89
N LYS A 58 -11.56 -2.23 11.13
CA LYS A 58 -12.95 -1.92 11.51
C LYS A 58 -13.23 -0.39 11.57
N LEU A 59 -14.25 0.04 10.83
CA LEU A 59 -14.82 1.41 10.98
C LEU A 59 -15.51 1.52 12.34
N HIS A 60 -15.32 2.65 13.05
CA HIS A 60 -15.92 2.92 14.39
C HIS A 60 -17.35 3.41 14.16
N GLN A 61 -18.24 2.51 13.75
CA GLN A 61 -19.68 2.81 13.69
C GLN A 61 -20.48 1.51 13.79
N GLU A 62 -21.63 1.60 14.44
CA GLU A 62 -22.47 0.44 14.86
C GLU A 62 -23.22 -0.09 13.63
N ASP A 63 -23.57 0.80 12.70
CA ASP A 63 -24.35 0.47 11.47
C ASP A 63 -23.68 -0.69 10.72
N ASN A 64 -22.51 -0.45 10.12
CA ASN A 64 -21.75 -1.47 9.34
C ASN A 64 -20.28 -1.07 9.43
N ASP A 65 -19.44 -1.90 10.05
CA ASP A 65 -18.03 -1.54 10.35
C ASP A 65 -17.09 -1.95 9.22
N TYR A 66 -17.61 -2.40 8.08
CA TYR A 66 -16.78 -3.11 7.05
C TYR A 66 -16.13 -2.12 6.06
N ILE A 67 -14.82 -2.32 5.80
CA ILE A 67 -14.08 -1.73 4.64
C ILE A 67 -13.09 -2.78 4.15
N ASN A 68 -12.85 -2.78 2.85
CA ASN A 68 -11.85 -3.69 2.26
C ASN A 68 -10.46 -3.09 2.50
N ALA A 69 -9.90 -3.37 3.70
CA ALA A 69 -8.60 -2.86 4.18
C ALA A 69 -8.06 -3.82 5.27
N SER A 70 -6.74 -4.00 5.27
CA SER A 70 -6.03 -4.95 6.17
C SER A 70 -4.89 -4.24 6.91
N LEU A 71 -4.68 -4.56 8.20
CA LEU A 71 -3.50 -4.11 8.97
C LEU A 71 -2.34 -5.08 8.80
N ILE A 72 -1.25 -4.67 8.16
CA ILE A 72 -0.03 -5.51 8.01
C ILE A 72 0.93 -5.05 9.16
N LYS A 73 1.14 -5.90 10.17
CA LYS A 73 2.12 -5.63 11.26
C LYS A 73 3.33 -6.55 11.04
N MET A 74 4.50 -5.96 10.82
CA MET A 74 5.76 -6.72 10.53
C MET A 74 6.63 -6.69 11.78
N GLU A 75 6.73 -7.84 12.47
CA GLU A 75 7.30 -7.97 13.84
C GLU A 75 8.74 -7.45 13.90
N GLU A 76 9.70 -8.22 13.35
CA GLU A 76 11.15 -7.91 13.45
C GLU A 76 11.42 -6.50 12.91
N ALA A 77 10.59 -6.04 11.97
CA ALA A 77 10.81 -4.80 11.19
C ALA A 77 10.45 -3.55 12.02
N GLN A 78 9.40 -3.60 12.85
CA GLN A 78 8.88 -2.45 13.65
C GLN A 78 8.14 -1.45 12.75
N ARG A 79 7.38 -1.96 11.77
CA ARG A 79 6.59 -1.12 10.82
C ARG A 79 5.19 -1.71 10.71
N SER A 80 4.18 -0.85 10.60
CA SER A 80 2.79 -1.21 10.27
C SER A 80 2.33 -0.49 8.99
N TYR A 81 1.49 -1.15 8.20
CA TYR A 81 0.86 -0.56 6.98
C TYR A 81 -0.60 -0.96 6.94
N ILE A 82 -1.45 -0.07 6.44
CA ILE A 82 -2.83 -0.46 6.05
C ILE A 82 -2.84 -0.59 4.53
N LEU A 83 -3.09 -1.79 4.01
CA LEU A 83 -3.30 -2.00 2.56
C LEU A 83 -4.79 -2.06 2.22
N THR A 84 -5.23 -1.25 1.25
CA THR A 84 -6.68 -1.14 0.93
C THR A 84 -6.84 -1.09 -0.61
N GLN A 85 -8.03 -1.40 -1.07
CA GLN A 85 -8.44 -1.23 -2.48
C GLN A 85 -8.51 0.29 -2.81
N GLY A 86 -8.46 0.63 -4.10
CA GLY A 86 -8.86 1.97 -4.57
C GLY A 86 -10.32 2.21 -4.20
N PRO A 87 -10.66 3.31 -3.54
CA PRO A 87 -12.03 3.54 -3.13
C PRO A 87 -13.04 3.54 -4.29
N LEU A 88 -14.25 3.12 -3.96
CA LEU A 88 -15.42 3.05 -4.89
C LEU A 88 -16.27 4.29 -4.65
N PRO A 89 -17.14 4.63 -5.63
CA PRO A 89 -18.00 5.80 -5.50
C PRO A 89 -18.76 5.75 -4.18
N ASN A 90 -19.16 4.56 -3.73
CA ASN A 90 -19.93 4.49 -2.45
C ASN A 90 -19.01 4.23 -1.23
N THR A 91 -17.69 4.10 -1.35
CA THR A 91 -16.81 3.91 -0.16
C THR A 91 -15.84 5.10 0.05
N VAL A 92 -15.98 6.22 -0.67
CA VAL A 92 -15.00 7.34 -0.49
C VAL A 92 -15.11 7.90 0.92
N GLY A 93 -16.33 8.00 1.45
CA GLY A 93 -16.55 8.50 2.83
C GLY A 93 -16.00 7.54 3.88
N HIS A 94 -16.16 6.21 3.72
CA HIS A 94 -15.54 5.14 4.58
C HIS A 94 -14.01 5.25 4.59
N PHE A 95 -13.42 5.47 3.43
CA PHE A 95 -11.94 5.59 3.23
C PHE A 95 -11.43 6.70 4.16
N TRP A 96 -12.03 7.89 4.09
CA TRP A 96 -11.55 9.06 4.86
C TRP A 96 -11.88 8.86 6.36
N GLU A 97 -12.99 8.23 6.68
CA GLU A 97 -13.27 7.83 8.08
C GLU A 97 -12.10 6.99 8.62
N MET A 98 -11.65 6.00 7.85
CA MET A 98 -10.59 5.07 8.27
C MET A 98 -9.30 5.88 8.49
N VAL A 99 -8.96 6.75 7.54
CA VAL A 99 -7.73 7.59 7.70
C VAL A 99 -7.81 8.35 9.04
N TRP A 100 -8.98 8.92 9.32
CA TRP A 100 -9.21 9.75 10.54
C TRP A 100 -9.06 8.85 11.79
N GLU A 101 -9.81 7.75 11.84
CA GLU A 101 -9.89 6.88 13.04
C GLU A 101 -8.55 6.22 13.33
N GLN A 102 -7.75 5.89 12.30
CA GLN A 102 -6.47 5.17 12.47
C GLN A 102 -5.32 6.15 12.68
N LYS A 103 -5.55 7.47 12.60
CA LYS A 103 -4.52 8.52 12.86
C LYS A 103 -3.38 8.51 11.86
N SER A 104 -3.64 8.07 10.64
CA SER A 104 -2.66 8.07 9.55
C SER A 104 -2.24 9.51 9.20
N ARG A 105 -0.99 9.68 8.81
CA ARG A 105 -0.39 10.95 8.35
C ARG A 105 -0.32 10.95 6.82
N GLY A 106 -0.07 9.78 6.21
CA GLY A 106 0.14 9.68 4.76
C GLY A 106 -0.84 8.72 4.10
N VAL A 107 -1.10 8.97 2.82
CA VAL A 107 -1.80 8.05 1.84
C VAL A 107 -0.86 7.88 0.66
N VAL A 108 -0.54 6.64 0.31
CA VAL A 108 0.33 6.28 -0.83
C VAL A 108 -0.54 5.65 -1.92
N MET A 109 -0.63 6.30 -3.08
CA MET A 109 -1.47 5.91 -4.24
C MET A 109 -0.53 5.49 -5.38
N LEU A 110 -0.64 4.23 -5.86
CA LEU A 110 0.30 3.69 -6.87
C LEU A 110 -0.35 3.48 -8.23
N ASN A 111 -1.57 4.00 -8.44
CA ASN A 111 -2.31 3.83 -9.71
C ASN A 111 -2.80 5.21 -10.19
N ARG A 112 -3.23 5.26 -11.44
CA ARG A 112 -3.95 6.42 -12.02
C ARG A 112 -5.42 6.09 -11.92
N VAL A 113 -6.26 7.12 -11.81
CA VAL A 113 -7.73 6.98 -11.75
C VAL A 113 -8.24 6.23 -12.99
N MET A 114 -7.67 6.49 -14.16
CA MET A 114 -7.99 5.69 -15.36
C MET A 114 -6.72 5.02 -15.87
N GLU A 115 -6.82 3.71 -16.15
CA GLU A 115 -5.73 2.86 -16.71
C GLU A 115 -6.35 1.89 -17.71
N LYS A 116 -5.69 1.64 -18.85
CA LYS A 116 -6.20 0.68 -19.86
C LYS A 116 -7.65 1.01 -20.26
N GLY A 117 -7.99 2.31 -20.29
CA GLY A 117 -9.30 2.86 -20.67
C GLY A 117 -10.45 2.57 -19.72
N SER A 118 -10.21 2.15 -18.46
CA SER A 118 -11.29 1.82 -17.48
C SER A 118 -10.99 2.54 -16.16
N LEU A 119 -11.99 2.76 -15.32
CA LEU A 119 -11.78 3.46 -14.04
C LEU A 119 -11.22 2.46 -13.01
N LYS A 120 -10.04 2.71 -12.47
CA LYS A 120 -9.40 1.83 -11.45
C LYS A 120 -9.68 2.30 -10.01
N CYS A 121 -10.12 3.55 -9.83
CA CYS A 121 -10.58 4.06 -8.51
C CYS A 121 -11.27 5.43 -8.64
N ALA A 122 -12.04 5.77 -7.65
CA ALA A 122 -12.86 6.99 -7.63
C ALA A 122 -11.90 8.19 -7.51
N GLN A 123 -12.36 9.35 -7.97
CA GLN A 123 -11.63 10.64 -7.79
C GLN A 123 -11.93 11.07 -6.36
N TYR A 124 -11.13 10.63 -5.37
CA TYR A 124 -11.50 10.66 -3.94
C TYR A 124 -10.89 11.89 -3.23
N TRP A 125 -10.13 12.73 -3.95
CA TRP A 125 -9.51 13.95 -3.33
C TRP A 125 -9.79 15.15 -4.25
N PRO A 126 -9.83 16.40 -3.71
CA PRO A 126 -10.17 17.58 -4.51
C PRO A 126 -9.01 17.99 -5.42
N GLN A 127 -9.35 18.43 -6.64
CA GLN A 127 -8.37 18.81 -7.69
C GLN A 127 -8.10 20.33 -7.66
N LYS A 128 -8.94 21.10 -6.99
CA LYS A 128 -8.75 22.57 -6.88
C LYS A 128 -8.95 23.03 -5.45
N GLU A 129 -8.09 23.97 -5.03
CA GLU A 129 -8.10 24.57 -3.66
C GLU A 129 -9.52 25.04 -3.34
N GLU A 130 -10.17 25.79 -4.25
CA GLU A 130 -11.45 26.46 -3.91
C GLU A 130 -12.65 25.51 -4.09
N LYS A 131 -12.43 24.23 -4.42
CA LYS A 131 -13.54 23.24 -4.55
C LYS A 131 -13.35 22.07 -3.58
N GLU A 132 -13.64 22.28 -2.31
CA GLU A 132 -13.43 21.26 -1.26
C GLU A 132 -14.49 20.16 -1.41
N MET A 133 -14.32 19.04 -0.70
CA MET A 133 -15.23 17.88 -0.81
C MET A 133 -15.83 17.68 0.57
N ILE A 134 -17.13 17.41 0.61
CA ILE A 134 -17.81 17.06 1.88
C ILE A 134 -18.37 15.64 1.71
N PHE A 135 -18.13 14.79 2.71
CA PHE A 135 -18.56 13.36 2.74
C PHE A 135 -19.68 13.31 3.78
N GLU A 136 -20.95 13.35 3.33
CA GLU A 136 -22.07 13.62 4.26
C GLU A 136 -22.28 12.39 5.14
N ASP A 137 -22.10 11.19 4.56
CA ASP A 137 -22.28 9.91 5.29
C ASP A 137 -21.32 9.82 6.50
N THR A 138 -20.08 10.33 6.45
CA THR A 138 -19.10 10.20 7.58
C THR A 138 -18.78 11.54 8.26
N ASN A 139 -19.39 12.64 7.80
CA ASN A 139 -19.25 13.99 8.44
C ASN A 139 -17.81 14.49 8.39
N LEU A 140 -17.16 14.40 7.21
CA LEU A 140 -15.77 14.88 7.01
C LEU A 140 -15.69 15.92 5.88
N LYS A 141 -14.76 16.87 5.99
CA LYS A 141 -14.45 17.83 4.90
C LYS A 141 -12.99 17.69 4.52
N LEU A 142 -12.71 17.70 3.22
CA LEU A 142 -11.34 17.50 2.70
C LEU A 142 -11.04 18.68 1.75
N THR A 143 -9.96 19.41 2.02
CA THR A 143 -9.54 20.58 1.19
C THR A 143 -8.15 20.35 0.61
N LEU A 144 -7.96 20.64 -0.67
CA LEU A 144 -6.59 20.68 -1.23
C LEU A 144 -5.88 21.97 -0.74
N ILE A 145 -4.68 21.83 -0.17
CA ILE A 145 -3.89 22.94 0.42
C ILE A 145 -2.80 23.30 -0.59
N SER A 146 -2.13 22.32 -1.15
CA SER A 146 -1.03 22.55 -2.11
C SER A 146 -0.73 21.27 -2.86
N GLU A 147 -0.05 21.41 -3.98
CA GLU A 147 0.21 20.31 -4.93
C GLU A 147 1.62 20.57 -5.45
N ASP A 148 2.50 19.56 -5.45
CA ASP A 148 3.88 19.60 -6.02
C ASP A 148 4.01 18.49 -7.08
N ILE A 149 3.93 18.86 -8.35
CA ILE A 149 3.90 17.89 -9.49
C ILE A 149 5.31 17.68 -10.04
N LYS A 150 5.78 16.44 -10.02
CA LYS A 150 7.05 15.98 -10.64
C LYS A 150 6.71 15.09 -11.84
N SER A 151 7.72 14.57 -12.53
CA SER A 151 7.60 13.73 -13.76
C SER A 151 6.89 12.40 -13.44
N TYR A 152 7.41 11.63 -12.47
CA TYR A 152 6.93 10.26 -12.14
C TYR A 152 5.77 10.33 -11.13
N TYR A 153 5.74 11.35 -10.26
CA TYR A 153 4.81 11.43 -9.10
C TYR A 153 4.53 12.88 -8.67
N THR A 154 3.53 13.03 -7.79
CA THR A 154 2.95 14.28 -7.29
C THR A 154 2.78 14.12 -5.78
N VAL A 155 3.15 15.13 -5.00
CA VAL A 155 2.83 15.19 -3.55
C VAL A 155 1.79 16.29 -3.32
N ARG A 156 0.76 15.96 -2.55
CA ARG A 156 -0.29 16.93 -2.18
C ARG A 156 -0.38 17.04 -0.67
N GLN A 157 -0.63 18.27 -0.24
CA GLN A 157 -0.98 18.56 1.15
C GLN A 157 -2.48 18.71 1.21
N LEU A 158 -3.15 17.94 2.08
CA LEU A 158 -4.62 17.94 2.23
C LEU A 158 -4.95 18.33 3.67
N GLU A 159 -6.12 18.91 3.90
CA GLU A 159 -6.63 19.20 5.24
C GLU A 159 -7.93 18.41 5.42
N LEU A 160 -7.96 17.54 6.43
CA LEU A 160 -9.13 16.69 6.75
C LEU A 160 -9.69 17.25 8.06
N GLU A 161 -10.97 17.64 8.03
CA GLU A 161 -11.70 18.18 9.20
C GLU A 161 -12.80 17.19 9.58
N ASN A 162 -12.83 16.85 10.85
CA ASN A 162 -13.95 16.13 11.48
C ASN A 162 -15.05 17.16 11.78
N LEU A 163 -16.12 17.18 10.98
CA LEU A 163 -17.15 18.26 11.05
C LEU A 163 -17.91 18.14 12.37
N THR A 164 -17.79 16.99 13.03
CA THR A 164 -18.46 16.71 14.33
C THR A 164 -17.79 17.53 15.43
N THR A 165 -16.44 17.59 15.45
CA THR A 165 -15.63 18.20 16.55
C THR A 165 -14.86 19.43 16.08
N GLN A 166 -14.75 19.64 14.76
CA GLN A 166 -13.98 20.78 14.18
C GLN A 166 -12.48 20.60 14.46
N GLU A 167 -12.00 19.42 14.85
CA GLU A 167 -10.54 19.12 14.75
C GLU A 167 -10.16 19.01 13.26
N THR A 168 -8.93 19.39 12.94
CA THR A 168 -8.32 19.31 11.59
C THR A 168 -6.97 18.62 11.71
N ARG A 169 -6.57 17.94 10.65
CA ARG A 169 -5.22 17.35 10.52
C ARG A 169 -4.73 17.55 9.10
N GLU A 170 -3.43 17.64 8.98
CA GLU A 170 -2.74 17.64 7.68
C GLU A 170 -2.50 16.18 7.27
N ILE A 171 -2.94 15.80 6.08
CA ILE A 171 -2.62 14.48 5.46
C ILE A 171 -1.73 14.74 4.24
N LEU A 172 -0.68 13.99 4.07
CA LEU A 172 0.15 14.04 2.85
C LEU A 172 -0.28 12.91 1.89
N HIS A 173 -0.55 13.26 0.65
CA HIS A 173 -0.91 12.34 -0.46
C HIS A 173 0.30 12.16 -1.37
N PHE A 174 0.87 10.95 -1.43
CA PHE A 174 2.00 10.58 -2.29
C PHE A 174 1.51 9.72 -3.44
N HIS A 175 1.51 10.28 -4.66
CA HIS A 175 0.84 9.71 -5.85
C HIS A 175 1.91 9.37 -6.87
N TYR A 176 2.21 8.07 -7.02
CA TYR A 176 3.06 7.53 -8.11
C TYR A 176 2.19 7.41 -9.36
N THR A 177 2.47 8.17 -10.42
CA THR A 177 1.54 8.28 -11.58
C THR A 177 2.02 7.50 -12.82
N THR A 178 3.03 6.63 -12.74
CA THR A 178 3.61 6.02 -13.97
C THR A 178 3.79 4.50 -13.89
N TRP A 179 3.06 3.80 -13.02
CA TRP A 179 3.23 2.32 -12.84
C TRP A 179 2.18 1.54 -13.64
N PRO A 180 2.60 0.75 -14.66
CA PRO A 180 1.68 -0.07 -15.46
C PRO A 180 0.91 -1.12 -14.63
N ASP A 181 -0.31 -1.47 -15.06
CA ASP A 181 -1.16 -2.47 -14.34
C ASP A 181 -0.61 -3.88 -14.60
N PHE A 182 -0.66 -4.74 -13.58
CA PHE A 182 -0.02 -6.08 -13.59
C PHE A 182 1.37 -5.94 -14.23
N GLY A 183 1.92 -4.72 -14.15
CA GLY A 183 3.25 -4.36 -14.70
C GLY A 183 4.19 -3.97 -13.58
N VAL A 184 5.29 -3.28 -13.93
CA VAL A 184 6.38 -2.90 -12.97
C VAL A 184 6.86 -1.49 -13.31
N PRO A 185 7.46 -0.75 -12.34
CA PRO A 185 8.10 0.52 -12.65
C PRO A 185 9.22 0.22 -13.65
N GLU A 186 9.62 1.21 -14.46
CA GLU A 186 10.56 0.97 -15.60
C GLU A 186 11.97 0.76 -15.04
N SER A 187 12.38 1.59 -14.07
CA SER A 187 13.68 1.49 -13.36
C SER A 187 13.44 1.39 -11.85
N PRO A 188 14.24 0.55 -11.14
CA PRO A 188 14.18 0.51 -9.68
C PRO A 188 14.33 1.93 -9.14
N ALA A 189 14.92 2.80 -9.97
CA ALA A 189 15.43 4.11 -9.51
C ALA A 189 14.26 5.03 -9.16
N SER A 190 13.27 5.20 -10.02
CA SER A 190 12.19 6.17 -9.73
C SER A 190 11.32 5.66 -8.56
N PHE A 191 11.11 4.35 -8.52
CA PHE A 191 10.39 3.64 -7.42
C PHE A 191 11.03 3.98 -6.07
N LEU A 192 12.32 3.69 -5.96
CA LEU A 192 13.13 3.93 -4.70
C LEU A 192 13.13 5.42 -4.35
N ASN A 193 13.36 6.28 -5.33
CA ASN A 193 13.32 7.75 -5.10
C ASN A 193 11.98 8.09 -4.43
N PHE A 194 10.87 7.53 -4.92
CA PHE A 194 9.51 7.79 -4.37
C PHE A 194 9.43 7.25 -2.94
N LEU A 195 9.87 6.00 -2.71
CA LEU A 195 9.83 5.37 -1.34
C LEU A 195 10.58 6.23 -0.32
N PHE A 196 11.74 6.77 -0.70
CA PHE A 196 12.56 7.64 0.19
C PHE A 196 11.87 8.98 0.44
N LYS A 197 11.07 9.49 -0.47
CA LYS A 197 10.27 10.72 -0.20
C LYS A 197 9.18 10.44 0.82
N VAL A 198 8.54 9.28 0.72
CA VAL A 198 7.49 8.95 1.72
C VAL A 198 8.18 8.87 3.10
N ARG A 199 9.31 8.20 3.16
CA ARG A 199 10.04 7.99 4.46
C ARG A 199 10.44 9.34 5.07
N GLU A 200 11.00 10.23 4.22
CA GLU A 200 11.45 11.58 4.66
C GLU A 200 10.33 12.39 5.27
N SER A 201 9.09 12.18 4.83
CA SER A 201 7.89 12.93 5.26
C SER A 201 7.52 12.67 6.73
N GLY A 202 8.00 11.59 7.36
CA GLY A 202 7.46 11.15 8.66
C GLY A 202 6.23 10.25 8.58
N SER A 203 5.66 10.01 7.39
CA SER A 203 4.41 9.24 7.21
C SER A 203 4.52 7.78 7.71
N LEU A 204 5.73 7.19 7.67
CA LEU A 204 5.96 5.76 8.00
C LEU A 204 6.44 5.58 9.45
N SER A 205 6.52 6.66 10.20
CA SER A 205 7.18 6.66 11.54
C SER A 205 6.19 6.32 12.66
N PRO A 206 6.69 5.70 13.76
CA PRO A 206 5.81 5.21 14.83
C PRO A 206 5.04 6.26 15.61
N GLU A 207 5.36 7.55 15.47
CA GLU A 207 4.57 8.60 16.15
C GLU A 207 3.21 8.80 15.45
N HIS A 208 3.00 8.23 14.27
CA HIS A 208 1.72 8.38 13.52
C HIS A 208 1.02 7.02 13.50
N GLY A 209 -0.28 6.99 13.20
CA GLY A 209 -0.95 5.77 12.74
C GLY A 209 -0.28 5.20 11.49
N PRO A 210 -0.65 3.95 11.11
CA PRO A 210 -0.07 3.32 9.92
C PRO A 210 -0.41 4.14 8.66
N VAL A 211 0.56 4.26 7.77
CA VAL A 211 0.38 4.73 6.37
C VAL A 211 -0.73 3.91 5.67
N VAL A 212 -1.60 4.57 4.90
CA VAL A 212 -2.60 3.87 4.05
C VAL A 212 -2.01 3.72 2.68
N VAL A 213 -1.88 2.48 2.18
CA VAL A 213 -1.38 2.23 0.82
C VAL A 213 -2.40 1.52 -0.09
N HIS A 214 -2.57 2.02 -1.33
CA HIS A 214 -3.52 1.42 -2.27
C HIS A 214 -3.02 1.46 -3.72
N CYS A 215 -3.58 0.53 -4.51
CA CYS A 215 -3.55 0.59 -5.99
C CYS A 215 -4.99 0.39 -6.43
N SER A 216 -5.26 -0.44 -7.42
CA SER A 216 -6.66 -0.81 -7.69
C SER A 216 -7.16 -1.85 -6.68
N ALA A 217 -6.52 -3.02 -6.61
CA ALA A 217 -7.00 -4.09 -5.70
C ALA A 217 -6.31 -4.01 -4.33
N GLY A 218 -5.20 -3.29 -4.23
CA GLY A 218 -4.44 -3.18 -2.98
C GLY A 218 -3.64 -4.45 -2.64
N ILE A 219 -3.13 -5.17 -3.62
CA ILE A 219 -2.29 -6.38 -3.37
C ILE A 219 -1.02 -6.38 -4.22
N GLY A 220 -1.06 -5.87 -5.45
CA GLY A 220 0.04 -6.01 -6.43
C GLY A 220 1.12 -4.96 -6.25
N ARG A 221 0.89 -3.77 -6.80
CA ARG A 221 1.80 -2.62 -6.65
C ARG A 221 1.93 -2.29 -5.15
N SER A 222 0.82 -2.33 -4.40
CA SER A 222 0.78 -2.09 -2.95
C SER A 222 1.71 -3.07 -2.22
N GLY A 223 1.68 -4.34 -2.61
CA GLY A 223 2.53 -5.38 -2.01
C GLY A 223 4.01 -5.09 -2.27
N THR A 224 4.31 -4.61 -3.46
CA THR A 224 5.71 -4.33 -3.88
C THR A 224 6.30 -3.23 -3.00
N PHE A 225 5.52 -2.19 -2.76
CA PHE A 225 5.94 -1.01 -1.95
C PHE A 225 6.30 -1.47 -0.53
N CYS A 226 5.39 -2.19 0.14
CA CYS A 226 5.56 -2.56 1.57
C CYS A 226 6.70 -3.58 1.72
N LEU A 227 6.80 -4.52 0.77
CA LEU A 227 7.84 -5.59 0.76
C LEU A 227 9.23 -4.94 0.66
N ALA A 228 9.37 -3.97 -0.24
CA ALA A 228 10.69 -3.34 -0.46
C ALA A 228 11.03 -2.54 0.80
N ASP A 229 10.11 -1.75 1.35
CA ASP A 229 10.34 -0.92 2.55
C ASP A 229 10.83 -1.81 3.74
N THR A 230 10.07 -2.86 4.05
CA THR A 230 10.32 -3.77 5.19
C THR A 230 11.69 -4.46 4.99
N CYS A 231 11.99 -4.98 3.82
CA CYS A 231 13.27 -5.70 3.57
C CYS A 231 14.46 -4.75 3.79
N LEU A 232 14.38 -3.50 3.29
CA LEU A 232 15.47 -2.51 3.45
C LEU A 232 15.60 -2.12 4.94
N LEU A 233 14.51 -2.04 5.68
CA LEU A 233 14.55 -1.69 7.11
C LEU A 233 15.26 -2.82 7.90
N LEU A 234 14.92 -4.08 7.59
CA LEU A 234 15.53 -5.27 8.26
C LEU A 234 17.04 -5.33 7.95
N MET A 235 17.45 -4.97 6.71
CA MET A 235 18.89 -4.92 6.31
C MET A 235 19.63 -3.86 7.13
N ASP A 236 18.98 -2.76 7.50
CA ASP A 236 19.53 -1.65 8.34
C ASP A 236 19.71 -2.11 9.80
N LYS A 237 18.77 -2.90 10.28
CA LYS A 237 18.66 -3.23 11.71
C LYS A 237 19.59 -4.36 12.12
N ARG A 238 19.73 -5.39 11.29
CA ARG A 238 20.36 -6.69 11.65
C ARG A 238 21.91 -6.56 11.62
N LYS A 239 22.60 -7.43 12.39
CA LYS A 239 24.09 -7.54 12.34
C LYS A 239 24.49 -8.12 10.98
N ASP A 240 23.72 -9.05 10.45
CA ASP A 240 24.04 -9.73 9.18
C ASP A 240 22.97 -9.39 8.14
N PRO A 241 23.16 -8.32 7.34
CA PRO A 241 22.19 -7.93 6.30
C PRO A 241 21.86 -8.99 5.25
N SER A 242 22.83 -9.87 4.90
CA SER A 242 22.68 -11.01 3.97
C SER A 242 21.71 -12.08 4.50
N SER A 243 21.34 -12.04 5.77
CA SER A 243 20.30 -12.94 6.37
C SER A 243 18.87 -12.51 5.99
N VAL A 244 18.68 -11.43 5.21
CA VAL A 244 17.28 -11.01 4.87
C VAL A 244 16.81 -11.90 3.73
N ASP A 245 15.76 -12.66 3.95
CA ASP A 245 15.19 -13.57 2.94
C ASP A 245 13.87 -12.98 2.40
N ILE A 246 13.88 -12.43 1.19
CA ILE A 246 12.71 -11.64 0.67
C ILE A 246 11.47 -12.56 0.62
N LYS A 247 11.64 -13.82 0.24
CA LYS A 247 10.53 -14.79 0.06
C LYS A 247 9.89 -15.02 1.41
N LYS A 248 10.71 -15.08 2.47
CA LYS A 248 10.20 -15.32 3.83
C LYS A 248 9.47 -14.08 4.39
N VAL A 249 9.96 -12.90 4.02
CA VAL A 249 9.31 -11.60 4.38
C VAL A 249 7.95 -11.55 3.71
N LEU A 250 7.89 -11.89 2.41
CA LEU A 250 6.61 -11.91 1.63
C LEU A 250 5.62 -12.89 2.27
N LEU A 251 6.05 -14.09 2.67
CA LEU A 251 5.10 -15.05 3.28
C LEU A 251 4.55 -14.54 4.61
N GLU A 252 5.38 -13.86 5.41
CA GLU A 252 4.98 -13.26 6.71
C GLU A 252 3.90 -12.19 6.45
N MET A 253 4.06 -11.41 5.39
CA MET A 253 3.15 -10.28 5.05
C MET A 253 1.84 -10.87 4.49
N ARG A 254 1.92 -12.00 3.79
CA ARG A 254 0.73 -12.72 3.28
C ARG A 254 -0.09 -13.36 4.42
N LYS A 255 0.42 -13.37 5.65
CA LYS A 255 -0.44 -13.83 6.77
C LYS A 255 -1.51 -12.77 7.03
N PHE A 256 -1.31 -11.52 6.56
CA PHE A 256 -2.19 -10.38 6.95
C PHE A 256 -3.12 -9.94 5.81
N ARG A 257 -2.75 -10.20 4.56
CA ARG A 257 -3.58 -9.89 3.38
C ARG A 257 -3.21 -10.83 2.26
N MET A 258 -4.22 -11.41 1.59
CA MET A 258 -4.03 -12.39 0.51
C MET A 258 -3.42 -11.72 -0.73
N GLY A 259 -2.68 -12.51 -1.50
CA GLY A 259 -2.36 -12.19 -2.91
C GLY A 259 -1.27 -11.14 -3.10
N LEU A 260 -0.57 -10.73 -2.05
CA LEU A 260 0.43 -9.64 -2.16
C LEU A 260 1.52 -10.06 -3.13
N ILE A 261 1.83 -9.20 -4.11
CA ILE A 261 2.71 -9.49 -5.27
C ILE A 261 1.92 -10.38 -6.22
N GLN A 262 1.44 -9.81 -7.33
CA GLN A 262 0.39 -10.41 -8.19
C GLN A 262 0.97 -10.95 -9.50
N THR A 263 2.29 -10.88 -9.71
CA THR A 263 2.96 -11.44 -10.93
C THR A 263 4.40 -11.88 -10.62
N ALA A 264 4.91 -12.88 -11.35
CA ALA A 264 6.34 -13.25 -11.27
C ALA A 264 7.24 -12.04 -11.62
N ASP A 265 6.81 -11.11 -12.47
CA ASP A 265 7.65 -9.93 -12.83
C ASP A 265 7.67 -8.93 -11.66
N GLN A 266 6.65 -8.89 -10.80
CA GLN A 266 6.58 -7.93 -9.65
C GLN A 266 7.56 -8.37 -8.55
N LEU A 267 7.75 -9.68 -8.35
CA LEU A 267 8.70 -10.22 -7.34
C LEU A 267 10.13 -9.85 -7.75
N ARG A 268 10.49 -10.09 -9.01
CA ARG A 268 11.84 -9.78 -9.55
C ARG A 268 12.16 -8.30 -9.31
N PHE A 269 11.25 -7.40 -9.68
CA PHE A 269 11.42 -5.94 -9.43
C PHE A 269 11.62 -5.72 -7.93
N SER A 270 10.84 -6.42 -7.09
CA SER A 270 10.96 -6.35 -5.60
C SER A 270 12.42 -6.60 -5.23
N TYR A 271 13.01 -7.70 -5.72
CA TYR A 271 14.45 -8.02 -5.50
C TYR A 271 15.29 -6.80 -5.88
N LEU A 272 15.27 -6.41 -7.16
CA LEU A 272 16.12 -5.33 -7.73
C LEU A 272 16.06 -4.10 -6.82
N ALA A 273 14.85 -3.70 -6.43
CA ALA A 273 14.60 -2.51 -5.57
C ALA A 273 15.36 -2.68 -4.24
N VAL A 274 15.24 -3.84 -3.59
CA VAL A 274 15.90 -4.13 -2.29
C VAL A 274 17.40 -4.10 -2.51
N ILE A 275 17.88 -4.74 -3.58
CA ILE A 275 19.33 -4.93 -3.85
C ILE A 275 19.97 -3.56 -4.14
N GLU A 276 19.33 -2.74 -4.98
CA GLU A 276 19.86 -1.39 -5.34
C GLU A 276 19.78 -0.48 -4.10
N GLY A 277 18.70 -0.60 -3.33
CA GLY A 277 18.48 0.18 -2.09
C GLY A 277 19.56 -0.10 -1.06
N ALA A 278 20.01 -1.35 -0.96
CA ALA A 278 21.08 -1.79 -0.04
C ALA A 278 22.28 -0.86 -0.21
N LYS A 279 22.66 -0.57 -1.47
CA LYS A 279 23.81 0.29 -1.81
C LYS A 279 23.76 1.55 -0.92
N PHE A 280 22.56 2.11 -0.72
CA PHE A 280 22.33 3.22 0.25
C PHE A 280 22.55 2.71 1.68
N ILE A 281 21.76 1.72 2.11
CA ILE A 281 21.73 1.21 3.52
C ILE A 281 23.17 0.93 3.98
N MET A 282 24.02 0.36 3.12
CA MET A 282 25.41 -0.05 3.50
C MET A 282 26.39 1.11 3.27
N GLY A 283 25.90 2.35 3.18
CA GLY A 283 26.69 3.57 3.42
C GLY A 283 26.97 4.42 2.19
N ASP A 284 26.34 4.14 1.05
CA ASP A 284 26.46 5.00 -0.17
C ASP A 284 25.19 5.87 -0.29
C TRS B . -4.47 -10.34 15.61
C1 TRS B . -4.27 -10.89 14.19
C2 TRS B . -3.23 -10.54 16.51
C3 TRS B . -5.70 -11.01 16.21
N TRS B . -4.79 -8.86 15.55
O1 TRS B . -3.82 -9.90 13.27
O2 TRS B . -2.01 -10.66 15.76
O3 TRS B . -6.86 -10.86 15.36
H11 TRS B . -5.12 -11.27 13.87
H12 TRS B . -3.61 -11.63 14.21
H21 TRS B . -3.35 -11.34 17.06
H22 TRS B . -3.15 -9.77 17.11
H31 TRS B . -5.88 -10.62 17.09
H32 TRS B . -5.52 -11.97 16.34
HN1 TRS B . -5.44 -8.65 16.13
HN2 TRS B . -5.06 -8.63 14.72
HN3 TRS B . -4.06 -8.37 15.76
HO1 TRS B . -3.65 -10.12 12.38
HO2 TRS B . -1.30 -10.72 15.76
HO3 TRS B . -6.89 -10.06 15.07
C10 A1ABS C . 11.51 -12.61 8.74
C13 A1ABS C . 9.66 -10.84 10.06
C15 A1ABS C . 9.17 -8.45 10.19
C17 A1ABS C . 9.90 -9.41 8.16
C01 A1ABS C . 4.13 -13.07 13.16
C02 A1ABS C . 5.40 -12.19 13.27
C03 A1ABS C . 6.70 -12.90 12.90
C06 A1ABS C . 8.94 -12.81 11.55
C09 A1ABS C . 11.16 -12.80 10.23
C11 A1ABS C . 10.46 -11.86 7.97
C12 A1ABS C . 9.99 -10.67 8.73
C14 A1ABS C . 9.24 -9.71 10.77
C16 A1ABS C . 9.49 -8.30 8.88
N05 A1ABS C . 7.69 -12.32 12.01
N08 A1ABS C . 9.82 -12.14 10.66
O04 A1ABS C . 6.93 -14.02 13.37
S07 A1ABS C . 9.35 -14.31 12.12
H101 A1ABS C . 11.65 -13.64 8.28
H102 A1ABS C . 12.51 -12.17 8.60
H151 A1ABS C . 8.82 -7.59 10.79
H171 A1ABS C . 10.15 -9.24 7.10
H011 A1ABS C . 3.25 -12.51 12.83
H012 A1ABS C . 3.83 -13.54 14.11
H013 A1ABS C . 4.26 -13.90 12.43
H022 A1ABS C . 5.26 -11.26 12.67
H021 A1ABS C . 5.45 -11.81 14.31
H092 A1ABS C . 11.18 -13.87 10.47
H091 A1ABS C . 12.00 -12.36 10.82
H111 A1ABS C . 9.63 -12.54 7.69
H112 A1ABS C . 10.87 -11.59 6.98
H141 A1ABS C . 8.98 -9.76 11.82
H161 A1ABS C . 9.40 -7.29 8.40
H051 A1ABS C . 7.35 -11.38 11.69
#